data_6XRX
#
_entry.id   6XRX
#
_cell.length_a   113.013
_cell.length_b   113.013
_cell.length_c   83.442
_cell.angle_alpha   90.000
_cell.angle_beta   90.000
_cell.angle_gamma   120.000
#
_symmetry.space_group_name_H-M   'P 62'
#
loop_
_entity.id
_entity.type
_entity.pdbx_description
1 polymer 'Maltose/maltodextrin-binding periplasmic protein, Mosquito protein AZ1'
2 branched alpha-D-glucopyranose-(1-4)-alpha-D-glucopyranose
3 non-polymer 'SODIUM ION'
4 non-polymer 1,2-ETHANEDIOL
5 non-polymer 'CHLORIDE ION'
6 water water
#
_entity_poly.entity_id   1
_entity_poly.type   'polypeptide(L)'
_entity_poly.pdbx_seq_one_letter_code
;KIEEGKLVIWINGDKGYNGLAEVGKKFEKDTGIKVTVEHPDKLEEKFPQVAATGDGPDIIFWAHDRFGGYAQSGLLAEIT
PAAAFQDKLYPFTWDAVRYNGKLIAYPIAVEALSLIYNKDLLPNPPKTWEEIPALDKELKAKGKSALMFNLQEPYFTWPL
IAADGGYAFKYAAGKYDIKDVGVDNAGAKAGLTFLVDLIKNKHMNADTDYSIAEAAFNKGETAMTINGPWAWSNIDTSAV
NYGVTVLPTFKGQPSKPFVGVLSAGINAASPNKELAKEFLENYLLTDEGLEAVNKDKPLGAVALKSYEEELAKDPRIAAT
MENAQKGEIMPNIPQMSAFWYAVRTAVINAASGRQTVDAALAAAQTNAAAALKDDFQEFVDLVPVDKLVNVALQYLVSDK
EFKEFFGYLQGEEFSAVWDQFFALNEVKDVLNYLEAADLAVYDALNTVADFLGLHHVKPTVHTLRTGGLTGFFDETVALL
PLDKFEALFEEKLKTSPEFKAFFEKLRNLDYQKFVDFHNNSKEVQGFLQKLRSYGLDVDGFFNLVAGFFGWGKF
;
_entity_poly.pdbx_strand_id   A
#
# COMPACT_ATOMS: atom_id res chain seq x y z
N LYS A 1 -5.48 -3.97 -23.31
CA LYS A 1 -5.80 -5.20 -22.52
C LYS A 1 -4.63 -6.18 -22.52
N ILE A 2 -4.74 -7.21 -21.69
CA ILE A 2 -3.70 -8.22 -21.59
C ILE A 2 -3.80 -9.15 -22.79
N GLU A 3 -2.66 -9.43 -23.42
CA GLU A 3 -2.63 -10.25 -24.63
C GLU A 3 -2.85 -11.71 -24.28
N GLU A 4 -3.75 -12.36 -25.01
CA GLU A 4 -4.08 -13.76 -24.78
C GLU A 4 -3.11 -14.65 -25.54
N GLY A 5 -2.76 -15.79 -24.93
CA GLY A 5 -1.90 -16.76 -25.58
C GLY A 5 -0.43 -16.60 -25.29
N LYS A 6 -0.08 -15.85 -24.24
CA LYS A 6 1.30 -15.72 -23.79
C LYS A 6 1.26 -15.38 -22.31
N LEU A 7 2.44 -15.35 -21.69
CA LEU A 7 2.57 -14.93 -20.30
C LEU A 7 3.52 -13.74 -20.20
N VAL A 8 3.07 -12.70 -19.52
CA VAL A 8 3.90 -11.56 -19.16
C VAL A 8 4.07 -11.58 -17.65
N ILE A 9 5.32 -11.54 -17.20
CA ILE A 9 5.65 -11.67 -15.79
C ILE A 9 6.41 -10.41 -15.35
N TRP A 10 6.02 -9.85 -14.21
CA TRP A 10 6.76 -8.76 -13.60
C TRP A 10 7.40 -9.25 -12.30
N ILE A 11 8.67 -8.90 -12.12
CA ILE A 11 9.43 -9.25 -10.93
C ILE A 11 10.43 -8.14 -10.68
N ASN A 12 10.81 -7.97 -9.41
CA ASN A 12 11.69 -6.86 -9.06
C ASN A 12 13.08 -7.08 -9.63
N GLY A 13 13.71 -5.99 -10.06
CA GLY A 13 14.98 -6.08 -10.77
C GLY A 13 16.14 -6.56 -9.94
N ASP A 14 15.98 -6.65 -8.62
CA ASP A 14 17.05 -7.19 -7.78
C ASP A 14 16.97 -8.71 -7.66
N LYS A 15 15.93 -9.34 -8.20
CA LYS A 15 15.75 -10.78 -8.12
C LYS A 15 16.34 -11.47 -9.35
N GLY A 16 16.27 -12.79 -9.37
CA GLY A 16 16.86 -13.58 -10.45
C GLY A 16 15.98 -13.65 -11.67
N TYR A 17 15.73 -12.51 -12.33
CA TYR A 17 14.81 -12.49 -13.45
C TYR A 17 15.38 -13.18 -14.69
N ASN A 18 16.71 -13.27 -14.79
N ASN A 18 16.72 -13.27 -14.80
CA ASN A 18 17.31 -14.02 -15.90
CA ASN A 18 17.29 -14.02 -15.92
C ASN A 18 17.13 -15.52 -15.70
C ASN A 18 17.11 -15.52 -15.70
N GLY A 19 17.25 -15.99 -14.46
CA GLY A 19 16.93 -17.38 -14.17
C GLY A 19 15.47 -17.69 -14.41
N LEU A 20 14.59 -16.75 -14.04
CA LEU A 20 13.17 -16.93 -14.33
C LEU A 20 12.92 -17.00 -15.83
N ALA A 21 13.64 -16.18 -16.60
CA ALA A 21 13.51 -16.25 -18.06
C ALA A 21 13.98 -17.61 -18.59
N GLU A 22 14.96 -18.22 -17.93
N GLU A 22 14.96 -18.23 -17.94
CA GLU A 22 15.37 -19.58 -18.32
CA GLU A 22 15.37 -19.57 -18.34
C GLU A 22 14.24 -20.57 -18.10
C GLU A 22 14.23 -20.56 -18.11
N VAL A 23 13.47 -20.40 -17.02
CA VAL A 23 12.29 -21.21 -16.82
C VAL A 23 11.27 -20.92 -17.92
N GLY A 24 11.14 -19.65 -18.30
CA GLY A 24 10.25 -19.30 -19.40
C GLY A 24 10.69 -19.94 -20.72
N LYS A 25 12.01 -20.09 -20.91
CA LYS A 25 12.53 -20.74 -22.11
C LYS A 25 12.12 -22.20 -22.16
N LYS A 26 12.21 -22.91 -21.03
CA LYS A 26 11.76 -24.31 -20.99
C LYS A 26 10.27 -24.41 -21.23
N PHE A 27 9.49 -23.50 -20.65
CA PHE A 27 8.04 -23.51 -20.85
C PHE A 27 7.71 -23.39 -22.34
N GLU A 28 8.37 -22.48 -23.04
CA GLU A 28 8.14 -22.32 -24.48
C GLU A 28 8.60 -23.55 -25.25
N LYS A 29 9.77 -24.09 -24.91
CA LYS A 29 10.25 -25.32 -25.55
C LYS A 29 9.21 -26.42 -25.47
N ASP A 30 8.54 -26.54 -24.32
CA ASP A 30 7.61 -27.65 -24.09
C ASP A 30 6.22 -27.37 -24.62
N THR A 31 5.78 -26.12 -24.61
CA THR A 31 4.40 -25.77 -24.92
C THR A 31 4.22 -24.92 -26.15
N GLY A 32 5.26 -24.22 -26.61
CA GLY A 32 5.12 -23.21 -27.64
C GLY A 32 4.66 -21.86 -27.16
N ILE A 33 4.29 -21.72 -25.89
CA ILE A 33 3.82 -20.46 -25.35
C ILE A 33 5.02 -19.61 -24.93
N LYS A 34 5.03 -18.36 -25.35
CA LYS A 34 6.12 -17.44 -25.06
C LYS A 34 5.92 -16.76 -23.71
N VAL A 35 7.01 -16.60 -22.97
CA VAL A 35 7.00 -15.97 -21.65
C VAL A 35 7.92 -14.75 -21.71
N THR A 36 7.39 -13.60 -21.31
CA THR A 36 8.15 -12.36 -21.23
C THR A 36 8.32 -11.97 -19.77
N VAL A 37 9.56 -11.70 -19.37
CA VAL A 37 9.88 -11.31 -17.99
C VAL A 37 10.38 -9.87 -18.02
N GLU A 38 9.64 -8.99 -17.34
CA GLU A 38 10.00 -7.59 -17.20
C GLU A 38 10.27 -7.28 -15.74
N HIS A 39 11.03 -6.22 -15.50
CA HIS A 39 11.36 -5.79 -14.13
C HIS A 39 11.29 -4.27 -14.06
N PRO A 40 10.09 -3.71 -14.13
CA PRO A 40 9.95 -2.25 -14.08
C PRO A 40 10.24 -1.71 -12.68
N ASP A 41 10.61 -0.44 -12.65
CA ASP A 41 10.85 0.24 -11.38
C ASP A 41 9.54 0.50 -10.66
N LYS A 42 9.62 0.63 -9.34
CA LYS A 42 8.45 0.89 -8.52
C LYS A 42 7.37 -0.14 -8.80
N LEU A 43 7.79 -1.41 -8.91
CA LEU A 43 6.90 -2.48 -9.31
C LEU A 43 5.66 -2.56 -8.41
N GLU A 44 5.86 -2.44 -7.09
CA GLU A 44 4.75 -2.63 -6.17
C GLU A 44 3.71 -1.52 -6.30
N GLU A 45 4.08 -0.38 -6.86
CA GLU A 45 3.12 0.68 -7.15
C GLU A 45 2.62 0.63 -8.59
N LYS A 46 3.46 0.22 -9.53
CA LYS A 46 3.04 0.15 -10.93
C LYS A 46 1.95 -0.90 -11.12
N PHE A 47 2.06 -2.05 -10.46
CA PHE A 47 1.08 -3.12 -10.66
C PHE A 47 -0.33 -2.68 -10.30
N PRO A 48 -0.61 -2.21 -9.08
CA PRO A 48 -2.00 -1.82 -8.77
C PRO A 48 -2.49 -0.68 -9.65
N GLN A 49 -1.59 0.19 -10.09
CA GLN A 49 -1.96 1.25 -11.03
C GLN A 49 -2.52 0.67 -12.33
N VAL A 50 -1.74 -0.18 -13.00
CA VAL A 50 -2.16 -0.68 -14.31
C VAL A 50 -3.19 -1.79 -14.17
N ALA A 51 -3.06 -2.65 -13.15
CA ALA A 51 -4.01 -3.74 -13.00
C ALA A 51 -5.43 -3.23 -12.74
N ALA A 52 -5.55 -2.10 -12.04
CA ALA A 52 -6.88 -1.55 -11.77
C ALA A 52 -7.60 -1.22 -13.08
N THR A 53 -6.87 -0.89 -14.14
CA THR A 53 -7.47 -0.64 -15.44
C THR A 53 -7.67 -1.91 -16.25
N GLY A 54 -7.40 -3.08 -15.66
CA GLY A 54 -7.51 -4.31 -16.41
C GLY A 54 -6.33 -4.63 -17.28
N ASP A 55 -5.21 -3.95 -17.09
CA ASP A 55 -3.98 -4.13 -17.86
C ASP A 55 -2.93 -4.81 -16.97
N GLY A 56 -1.71 -4.93 -17.45
CA GLY A 56 -0.60 -5.31 -16.61
C GLY A 56 -0.15 -6.72 -16.94
N PRO A 57 0.70 -7.27 -16.08
CA PRO A 57 1.22 -8.61 -16.32
C PRO A 57 0.20 -9.69 -15.98
N ASP A 58 0.42 -10.88 -16.54
CA ASP A 58 -0.34 -12.04 -16.11
C ASP A 58 0.05 -12.45 -14.69
N ILE A 59 1.35 -12.37 -14.38
CA ILE A 59 1.88 -12.81 -13.10
C ILE A 59 2.68 -11.68 -12.48
N ILE A 60 2.49 -11.45 -11.19
CA ILE A 60 3.18 -10.40 -10.44
C ILE A 60 3.93 -11.05 -9.29
N PHE A 61 5.23 -10.79 -9.20
CA PHE A 61 6.06 -11.24 -8.10
C PHE A 61 6.33 -10.09 -7.15
N TRP A 62 6.06 -10.30 -5.86
CA TRP A 62 6.47 -9.37 -4.82
C TRP A 62 6.36 -10.08 -3.48
N ALA A 63 6.94 -9.47 -2.45
CA ALA A 63 6.73 -9.96 -1.10
C ALA A 63 5.24 -9.97 -0.77
N HIS A 64 4.85 -10.88 0.11
CA HIS A 64 3.42 -11.15 0.35
C HIS A 64 2.70 -9.99 1.02
N ASP A 65 3.43 -9.07 1.65
CA ASP A 65 2.77 -8.03 2.44
C ASP A 65 1.89 -7.12 1.61
N ARG A 66 2.17 -6.98 0.31
CA ARG A 66 1.39 -6.11 -0.56
C ARG A 66 0.13 -6.77 -1.11
N PHE A 67 -0.03 -8.08 -0.94
CA PHE A 67 -1.04 -8.80 -1.72
C PHE A 67 -2.45 -8.68 -1.15
N GLY A 68 -2.59 -8.47 0.17
CA GLY A 68 -3.92 -8.25 0.71
C GLY A 68 -4.58 -7.01 0.13
N GLY A 69 -3.82 -5.93 -0.01
CA GLY A 69 -4.35 -4.74 -0.66
C GLY A 69 -4.70 -4.99 -2.12
N TYR A 70 -3.86 -5.74 -2.83
CA TYR A 70 -4.17 -6.09 -4.22
C TYR A 70 -5.45 -6.90 -4.30
N ALA A 71 -5.60 -7.89 -3.43
CA ALA A 71 -6.79 -8.72 -3.43
C ALA A 71 -8.03 -7.91 -3.08
N GLN A 72 -7.93 -7.04 -2.07
CA GLN A 72 -9.06 -6.22 -1.70
C GLN A 72 -9.51 -5.34 -2.87
N SER A 73 -8.55 -4.89 -3.67
CA SER A 73 -8.83 -4.10 -4.86
C SER A 73 -9.32 -4.95 -6.04
N GLY A 74 -9.45 -6.26 -5.86
CA GLY A 74 -9.95 -7.12 -6.90
C GLY A 74 -8.96 -7.39 -8.01
N LEU A 75 -7.66 -7.29 -7.73
CA LEU A 75 -6.65 -7.41 -8.76
C LEU A 75 -6.12 -8.83 -8.94
N LEU A 76 -6.47 -9.75 -8.05
CA LEU A 76 -5.83 -11.07 -8.00
C LEU A 76 -6.86 -12.19 -8.12
N ALA A 77 -6.48 -13.22 -8.87
CA ALA A 77 -7.28 -14.43 -8.97
C ALA A 77 -7.03 -15.32 -7.77
N GLU A 78 -8.07 -16.05 -7.35
CA GLU A 78 -7.89 -17.03 -6.29
C GLU A 78 -7.02 -18.18 -6.77
N ILE A 79 -6.15 -18.65 -5.88
CA ILE A 79 -5.22 -19.74 -6.15
C ILE A 79 -5.77 -21.00 -5.50
N THR A 80 -5.95 -22.05 -6.29
CA THR A 80 -6.60 -23.28 -5.84
C THR A 80 -5.77 -24.47 -6.29
N PRO A 81 -4.68 -24.76 -5.60
CA PRO A 81 -3.86 -25.91 -5.96
C PRO A 81 -4.52 -27.21 -5.52
N ALA A 82 -4.22 -28.29 -6.25
CA ALA A 82 -4.61 -29.60 -5.80
C ALA A 82 -3.85 -29.97 -4.53
N ALA A 83 -4.38 -30.96 -3.80
CA ALA A 83 -3.80 -31.31 -2.51
C ALA A 83 -2.33 -31.68 -2.64
N ALA A 84 -1.99 -32.46 -3.67
CA ALA A 84 -0.62 -32.92 -3.81
C ALA A 84 0.34 -31.76 -4.01
N PHE A 85 -0.06 -30.75 -4.79
CA PHE A 85 0.83 -29.61 -4.97
C PHE A 85 0.93 -28.79 -3.70
N GLN A 86 -0.21 -28.51 -3.05
CA GLN A 86 -0.17 -27.71 -1.84
C GLN A 86 0.79 -28.33 -0.82
N ASP A 87 0.79 -29.66 -0.72
CA ASP A 87 1.65 -30.36 0.23
C ASP A 87 3.12 -30.26 -0.12
N LYS A 88 3.47 -29.80 -1.33
CA LYS A 88 4.87 -29.66 -1.70
C LYS A 88 5.52 -28.42 -1.11
N LEU A 89 4.73 -27.46 -0.63
CA LEU A 89 5.25 -26.24 -0.05
C LEU A 89 4.93 -26.19 1.44
N TYR A 90 5.78 -25.51 2.19
CA TYR A 90 5.62 -25.47 3.64
C TYR A 90 4.31 -24.78 4.01
N PRO A 91 3.54 -25.34 4.95
CA PRO A 91 2.28 -24.68 5.37
C PRO A 91 2.43 -23.21 5.72
N PHE A 92 3.50 -22.83 6.42
CA PHE A 92 3.62 -21.44 6.85
C PHE A 92 3.84 -20.49 5.67
N THR A 93 4.32 -20.99 4.53
CA THR A 93 4.41 -20.12 3.36
C THR A 93 3.04 -19.93 2.73
N TRP A 94 2.19 -20.96 2.72
CA TRP A 94 0.81 -20.78 2.28
C TRP A 94 0.05 -19.82 3.20
N ASP A 95 0.35 -19.86 4.51
CA ASP A 95 -0.28 -18.93 5.44
C ASP A 95 -0.01 -17.48 5.03
N ALA A 96 1.22 -17.20 4.59
CA ALA A 96 1.58 -15.83 4.26
C ALA A 96 0.75 -15.28 3.11
N VAL A 97 0.23 -16.15 2.25
CA VAL A 97 -0.51 -15.74 1.07
C VAL A 97 -1.99 -16.09 1.19
N ARG A 98 -2.48 -16.34 2.41
CA ARG A 98 -3.90 -16.55 2.65
C ARG A 98 -4.51 -15.25 3.17
N TYR A 99 -5.61 -14.84 2.55
CA TYR A 99 -6.27 -13.58 2.88
C TYR A 99 -7.77 -13.78 2.81
N ASN A 100 -8.48 -13.42 3.89
CA ASN A 100 -9.92 -13.64 3.99
C ASN A 100 -10.28 -15.08 3.61
N GLY A 101 -9.45 -16.02 4.07
CA GLY A 101 -9.74 -17.43 3.90
C GLY A 101 -9.37 -18.03 2.56
N LYS A 102 -8.91 -17.22 1.60
CA LYS A 102 -8.57 -17.70 0.27
C LYS A 102 -7.07 -17.51 0.03
N LEU A 103 -6.50 -18.39 -0.78
CA LEU A 103 -5.13 -18.24 -1.23
C LEU A 103 -5.11 -17.27 -2.42
N ILE A 104 -4.23 -16.27 -2.34
CA ILE A 104 -4.21 -15.19 -3.32
C ILE A 104 -2.88 -15.10 -4.06
N ALA A 105 -2.00 -16.07 -3.88
CA ALA A 105 -0.74 -16.15 -4.61
C ALA A 105 -0.10 -17.49 -4.32
N TYR A 106 0.95 -17.81 -5.12
CA TYR A 106 1.83 -18.94 -4.83
C TYR A 106 3.04 -18.44 -4.04
N PRO A 107 3.35 -19.03 -2.89
CA PRO A 107 4.58 -18.65 -2.19
C PRO A 107 5.80 -19.25 -2.88
N ILE A 108 6.89 -18.50 -2.91
CA ILE A 108 8.11 -18.88 -3.61
C ILE A 108 9.27 -19.09 -2.65
N ALA A 109 9.56 -18.10 -1.81
CA ALA A 109 10.76 -18.17 -0.97
C ALA A 109 10.64 -17.21 0.20
N VAL A 110 11.29 -17.56 1.31
CA VAL A 110 11.28 -16.76 2.53
C VAL A 110 12.50 -15.85 2.54
N GLU A 111 12.26 -14.55 2.72
CA GLU A 111 13.29 -13.53 2.67
C GLU A 111 13.46 -12.89 4.04
N ALA A 112 14.70 -12.83 4.52
CA ALA A 112 15.01 -12.07 5.73
C ALA A 112 16.36 -11.41 5.55
N LEU A 113 16.47 -10.18 6.03
CA LEU A 113 17.75 -9.47 6.04
C LEU A 113 18.72 -10.14 7.00
N SER A 114 20.00 -10.10 6.63
CA SER A 114 21.08 -10.54 7.50
C SER A 114 22.18 -9.49 7.48
N LEU A 115 23.13 -9.66 8.39
CA LEU A 115 24.35 -8.85 8.40
C LEU A 115 25.39 -9.53 7.51
N ILE A 116 25.89 -8.79 6.53
CA ILE A 116 26.92 -9.27 5.62
C ILE A 116 28.19 -8.49 5.91
N TYR A 117 29.30 -9.21 6.13
CA TYR A 117 30.53 -8.59 6.56
C TYR A 117 31.71 -9.08 5.73
N ASN A 118 32.74 -8.24 5.66
CA ASN A 118 33.96 -8.54 4.93
C ASN A 118 34.90 -9.29 5.88
N LYS A 119 35.12 -10.58 5.60
CA LYS A 119 35.94 -11.40 6.49
C LYS A 119 37.36 -10.88 6.59
N ASP A 120 37.88 -10.27 5.52
CA ASP A 120 39.26 -9.78 5.54
C ASP A 120 39.39 -8.51 6.37
N LEU A 121 38.46 -7.58 6.22
CA LEU A 121 38.46 -6.37 7.06
C LEU A 121 37.98 -6.65 8.46
N LEU A 122 37.24 -7.72 8.67
CA LEU A 122 36.52 -7.89 9.91
C LEU A 122 36.30 -9.38 10.20
N PRO A 123 37.32 -10.10 10.66
CA PRO A 123 37.16 -11.55 10.86
C PRO A 123 36.11 -11.90 11.90
N ASN A 124 35.88 -11.00 12.87
CA ASN A 124 34.84 -11.19 13.89
C ASN A 124 33.89 -10.02 13.82
N PRO A 125 32.72 -10.16 13.20
CA PRO A 125 31.80 -9.03 13.09
C PRO A 125 31.17 -8.71 14.43
N PRO A 126 30.70 -7.48 14.62
CA PRO A 126 30.11 -7.10 15.91
C PRO A 126 28.84 -7.87 16.19
N LYS A 127 28.60 -8.14 17.48
CA LYS A 127 27.36 -8.74 17.93
C LYS A 127 26.32 -7.71 18.31
N THR A 128 26.69 -6.43 18.45
CA THR A 128 25.79 -5.39 18.92
C THR A 128 25.85 -4.19 18.01
N TRP A 129 24.72 -3.47 17.94
CA TRP A 129 24.72 -2.17 17.29
C TRP A 129 25.59 -1.18 18.06
N GLU A 130 25.60 -1.29 19.38
CA GLU A 130 26.23 -0.27 20.22
C GLU A 130 27.73 -0.18 20.02
N GLU A 131 28.37 -1.27 19.60
CA GLU A 131 29.82 -1.28 19.40
C GLU A 131 30.23 -0.79 18.02
N ILE A 132 29.28 -0.50 17.14
CA ILE A 132 29.59 -0.17 15.74
C ILE A 132 30.17 1.23 15.64
N PRO A 133 29.66 2.22 16.38
CA PRO A 133 30.34 3.53 16.39
C PRO A 133 31.84 3.44 16.63
N ALA A 134 32.26 2.72 17.67
CA ALA A 134 33.69 2.59 17.94
C ALA A 134 34.40 1.84 16.83
N LEU A 135 33.73 0.84 16.24
CA LEU A 135 34.34 0.10 15.14
C LEU A 135 34.59 1.01 13.94
N ASP A 136 33.65 1.94 13.68
CA ASP A 136 33.80 2.85 12.54
C ASP A 136 34.95 3.82 12.77
N LYS A 137 35.13 4.27 14.02
CA LYS A 137 36.29 5.09 14.35
C LYS A 137 37.58 4.35 14.03
N GLU A 138 37.66 3.08 14.46
CA GLU A 138 38.84 2.28 14.19
C GLU A 138 39.06 2.09 12.69
N LEU A 139 37.99 1.77 11.95
CA LEU A 139 38.12 1.55 10.51
C LEU A 139 38.36 2.85 9.77
N LYS A 140 37.80 3.96 10.24
CA LYS A 140 38.04 5.24 9.60
C LYS A 140 39.53 5.59 9.58
N ALA A 141 40.27 5.16 10.60
CA ALA A 141 41.71 5.39 10.63
C ALA A 141 42.46 4.57 9.59
N LYS A 142 41.79 3.65 8.90
CA LYS A 142 42.39 2.85 7.85
C LYS A 142 41.83 3.19 6.47
N GLY A 143 41.06 4.27 6.35
CA GLY A 143 40.49 4.66 5.08
C GLY A 143 39.21 3.94 4.71
N LYS A 144 38.51 3.34 5.69
CA LYS A 144 37.32 2.51 5.48
C LYS A 144 36.19 2.98 6.41
N SER A 145 35.04 2.36 6.30
CA SER A 145 33.93 2.60 7.21
C SER A 145 33.39 1.25 7.69
N ALA A 146 32.57 1.31 8.74
CA ALA A 146 32.08 0.08 9.36
C ALA A 146 30.87 -0.47 8.63
N LEU A 147 29.89 0.38 8.35
CA LEU A 147 28.57 -0.09 7.92
C LEU A 147 27.95 0.86 6.91
N MET A 148 27.44 0.30 5.81
CA MET A 148 26.62 1.04 4.87
C MET A 148 25.48 0.14 4.41
N PHE A 149 24.25 0.65 4.50
CA PHE A 149 23.09 -0.06 3.98
C PHE A 149 22.04 0.96 3.57
N ASN A 150 21.02 0.47 2.87
CA ASN A 150 20.01 1.33 2.26
C ASN A 150 19.19 2.02 3.34
N LEU A 151 19.31 3.34 3.42
CA LEU A 151 18.54 4.15 4.36
C LEU A 151 17.33 4.82 3.73
N GLN A 152 17.05 4.54 2.45
CA GLN A 152 15.90 5.13 1.78
C GLN A 152 14.65 4.26 1.90
N GLU A 153 14.81 2.98 2.21
CA GLU A 153 13.69 2.05 2.32
C GLU A 153 13.58 1.58 3.76
N PRO A 154 12.44 1.77 4.43
CA PRO A 154 12.33 1.40 5.85
C PRO A 154 12.44 -0.10 6.11
N TYR A 155 12.28 -0.92 5.08
CA TYR A 155 12.53 -2.36 5.22
C TYR A 155 13.86 -2.62 5.90
N PHE A 156 14.87 -1.81 5.59
CA PHE A 156 16.23 -2.03 6.07
C PHE A 156 16.47 -1.46 7.45
N THR A 157 15.73 -0.42 7.83
N THR A 157 15.74 -0.42 7.83
CA THR A 157 15.88 0.19 9.14
CA THR A 157 15.89 0.17 9.15
C THR A 157 14.87 -0.32 10.16
C THR A 157 14.93 -0.44 10.17
N TRP A 158 13.79 -0.97 9.71
CA TRP A 158 12.82 -1.55 10.63
C TRP A 158 13.43 -2.54 11.63
N PRO A 159 14.37 -3.42 11.25
CA PRO A 159 14.87 -4.39 12.23
C PRO A 159 15.45 -3.75 13.47
N LEU A 160 16.10 -2.60 13.31
CA LEU A 160 16.63 -1.87 14.47
C LEU A 160 15.51 -1.18 15.24
N ILE A 161 14.54 -0.60 14.53
CA ILE A 161 13.43 0.08 15.19
C ILE A 161 12.60 -0.91 16.01
N ALA A 162 12.45 -2.14 15.51
CA ALA A 162 11.64 -3.14 16.20
C ALA A 162 12.38 -3.82 17.34
N ALA A 163 13.72 -3.73 17.37
CA ALA A 163 14.51 -4.55 18.28
C ALA A 163 14.03 -4.42 19.73
N ASP A 164 13.91 -3.19 20.22
CA ASP A 164 13.61 -2.95 21.62
C ASP A 164 12.15 -2.59 21.87
N GLY A 165 11.25 -2.89 20.93
CA GLY A 165 9.84 -2.79 21.23
C GLY A 165 8.95 -2.25 20.13
N GLY A 166 9.52 -1.71 19.07
CA GLY A 166 8.70 -1.24 17.96
C GLY A 166 7.94 -2.38 17.31
N TYR A 167 6.74 -2.06 16.84
CA TYR A 167 5.92 -3.02 16.10
C TYR A 167 4.95 -2.27 15.20
N ALA A 168 4.46 -2.97 14.18
CA ALA A 168 3.56 -2.37 13.22
C ALA A 168 2.15 -2.31 13.78
N PHE A 169 1.45 -3.45 13.78
CA PHE A 169 0.12 -3.56 14.35
C PHE A 169 0.11 -4.66 15.39
N LYS A 170 -0.54 -4.39 16.52
CA LYS A 170 -0.55 -5.35 17.61
C LYS A 170 -1.32 -6.59 17.23
N TYR A 171 -0.75 -7.76 17.51
CA TYR A 171 -1.34 -9.04 17.17
C TYR A 171 -1.79 -9.72 18.46
N ALA A 172 -3.07 -10.10 18.51
CA ALA A 172 -3.63 -10.73 19.71
C ALA A 172 -4.71 -11.71 19.28
N ALA A 173 -4.56 -12.95 19.71
CA ALA A 173 -5.56 -14.00 19.50
C ALA A 173 -6.20 -13.91 18.11
N GLY A 174 -5.34 -14.08 17.10
CA GLY A 174 -5.82 -14.23 15.74
C GLY A 174 -5.61 -13.06 14.81
N LYS A 175 -5.95 -11.86 15.25
CA LYS A 175 -6.05 -10.71 14.36
C LYS A 175 -5.06 -9.62 14.74
N TYR A 176 -4.73 -8.80 13.75
CA TYR A 176 -3.99 -7.56 13.97
C TYR A 176 -4.96 -6.43 14.28
N ASP A 177 -4.62 -5.63 15.28
CA ASP A 177 -5.41 -4.47 15.67
C ASP A 177 -4.82 -3.27 14.93
N ILE A 178 -5.46 -2.85 13.84
CA ILE A 178 -4.93 -1.75 13.05
C ILE A 178 -5.11 -0.39 13.72
N LYS A 179 -5.72 -0.34 14.90
CA LYS A 179 -5.77 0.85 15.75
C LYS A 179 -4.66 0.87 16.79
N ASP A 180 -3.97 -0.25 17.00
CA ASP A 180 -2.89 -0.36 17.99
C ASP A 180 -1.57 -0.45 17.23
N VAL A 181 -0.98 0.72 16.94
CA VAL A 181 0.26 0.83 16.20
C VAL A 181 1.40 1.04 17.18
N GLY A 182 2.57 0.48 16.87
CA GLY A 182 3.69 0.52 17.78
C GLY A 182 4.93 1.20 17.21
N VAL A 183 4.74 2.25 16.41
CA VAL A 183 5.89 2.91 15.78
C VAL A 183 6.43 4.09 16.58
N ASP A 184 5.74 4.52 17.65
CA ASP A 184 6.22 5.64 18.44
C ASP A 184 6.29 5.31 19.93
N ASN A 185 6.44 4.04 20.28
CA ASN A 185 6.70 3.69 21.66
C ASN A 185 8.18 3.91 21.97
N ALA A 186 8.57 3.68 23.23
CA ALA A 186 9.94 3.95 23.64
C ALA A 186 10.93 3.13 22.83
N GLY A 187 10.65 1.84 22.66
CA GLY A 187 11.57 0.98 21.91
C GLY A 187 11.77 1.46 20.50
N ALA A 188 10.69 1.89 19.83
CA ALA A 188 10.81 2.40 18.47
C ALA A 188 11.64 3.68 18.45
N LYS A 189 11.36 4.61 19.37
CA LYS A 189 12.12 5.85 19.45
C LYS A 189 13.59 5.57 19.66
N ALA A 190 13.91 4.64 20.56
CA ALA A 190 15.32 4.33 20.86
C ALA A 190 16.03 3.83 19.61
N GLY A 191 15.40 2.93 18.87
CA GLY A 191 16.07 2.36 17.69
C GLY A 191 16.33 3.41 16.63
N LEU A 192 15.33 4.23 16.33
CA LEU A 192 15.52 5.26 15.31
C LEU A 192 16.49 6.33 15.79
N THR A 193 16.45 6.65 17.09
CA THR A 193 17.44 7.58 17.65
C THR A 193 18.85 7.07 17.42
N PHE A 194 19.07 5.77 17.60
CA PHE A 194 20.40 5.22 17.39
C PHE A 194 20.81 5.35 15.93
N LEU A 195 19.87 5.13 15.00
CA LEU A 195 20.17 5.32 13.58
C LEU A 195 20.54 6.77 13.30
N VAL A 196 19.74 7.70 13.81
CA VAL A 196 19.97 9.12 13.54
C VAL A 196 21.31 9.56 14.13
N ASP A 197 21.65 9.04 15.30
CA ASP A 197 22.93 9.41 15.90
C ASP A 197 24.11 8.84 15.12
N LEU A 198 23.96 7.66 14.52
CA LEU A 198 24.98 7.17 13.61
C LEU A 198 25.22 8.16 12.49
N ILE A 199 24.15 8.79 11.99
CA ILE A 199 24.26 9.77 10.93
C ILE A 199 24.83 11.08 11.46
N LYS A 200 24.29 11.56 12.59
CA LYS A 200 24.78 12.80 13.18
C LYS A 200 26.28 12.72 13.46
N ASN A 201 26.74 11.56 13.94
CA ASN A 201 28.14 11.36 14.26
C ASN A 201 28.96 10.90 13.06
N LYS A 202 28.38 10.94 11.85
CA LYS A 202 29.11 10.72 10.61
C LYS A 202 29.59 9.28 10.47
N HIS A 203 28.91 8.33 11.11
CA HIS A 203 29.16 6.91 10.86
C HIS A 203 28.37 6.39 9.67
N MET A 204 27.31 7.08 9.28
CA MET A 204 26.59 6.78 8.05
C MET A 204 26.13 8.09 7.43
N ASN A 205 25.67 8.01 6.18
CA ASN A 205 25.22 9.16 5.41
C ASN A 205 23.75 8.98 5.05
N ALA A 206 22.93 9.98 5.39
CA ALA A 206 21.48 9.88 5.20
C ALA A 206 21.09 9.65 3.75
N ASP A 207 21.95 10.01 2.79
CA ASP A 207 21.63 9.85 1.38
C ASP A 207 21.96 8.46 0.84
N THR A 208 22.61 7.61 1.63
CA THR A 208 22.97 6.29 1.16
C THR A 208 21.73 5.50 0.76
N ASP A 209 21.77 4.94 -0.45
CA ASP A 209 20.67 4.14 -0.98
C ASP A 209 21.18 2.74 -1.29
N TYR A 210 20.31 1.93 -1.91
CA TYR A 210 20.66 0.54 -2.17
C TYR A 210 21.93 0.43 -3.01
N SER A 211 21.99 1.17 -4.10
N SER A 211 21.99 1.17 -4.10
CA SER A 211 23.12 1.04 -5.02
CA SER A 211 23.12 1.06 -5.03
C SER A 211 24.41 1.54 -4.40
C SER A 211 24.41 1.53 -4.40
N ILE A 212 24.38 2.66 -3.68
CA ILE A 212 25.58 3.19 -3.05
C ILE A 212 26.14 2.19 -2.04
N ALA A 213 25.29 1.67 -1.16
CA ALA A 213 25.74 0.72 -0.16
C ALA A 213 26.28 -0.56 -0.80
N GLU A 214 25.62 -1.05 -1.85
CA GLU A 214 26.09 -2.26 -2.50
C GLU A 214 27.46 -2.06 -3.13
N ALA A 215 27.64 -0.96 -3.85
CA ALA A 215 28.94 -0.68 -4.48
C ALA A 215 30.02 -0.57 -3.42
N ALA A 216 29.75 0.16 -2.33
CA ALA A 216 30.75 0.35 -1.29
C ALA A 216 31.20 -0.98 -0.69
N PHE A 217 30.25 -1.88 -0.41
CA PHE A 217 30.64 -3.15 0.20
C PHE A 217 31.36 -4.05 -0.79
N ASN A 218 30.84 -4.13 -2.03
CA ASN A 218 31.41 -5.05 -3.00
C ASN A 218 32.75 -4.57 -3.53
N LYS A 219 33.05 -3.27 -3.41
CA LYS A 219 34.36 -2.74 -3.76
C LYS A 219 35.28 -2.65 -2.54
N GLY A 220 34.89 -3.23 -1.42
CA GLY A 220 35.77 -3.31 -0.26
C GLY A 220 35.94 -2.04 0.52
N GLU A 221 35.05 -1.05 0.35
CA GLU A 221 35.19 0.23 1.04
C GLU A 221 34.57 0.24 2.43
N THR A 222 33.54 -0.57 2.66
CA THR A 222 32.90 -0.66 3.96
C THR A 222 32.94 -2.10 4.45
N ALA A 223 33.03 -2.26 5.77
CA ALA A 223 33.21 -3.58 6.35
C ALA A 223 31.93 -4.38 6.41
N MET A 224 30.77 -3.72 6.43
CA MET A 224 29.51 -4.41 6.64
C MET A 224 28.40 -3.77 5.80
N THR A 225 27.43 -4.59 5.45
CA THR A 225 26.18 -4.10 4.88
C THR A 225 25.06 -4.97 5.42
N ILE A 226 23.83 -4.53 5.17
CA ILE A 226 22.63 -5.26 5.54
C ILE A 226 21.84 -5.48 4.26
N ASN A 227 21.54 -6.74 3.94
CA ASN A 227 20.83 -7.04 2.70
C ASN A 227 20.28 -8.46 2.76
N GLY A 228 19.51 -8.80 1.73
CA GLY A 228 18.90 -10.10 1.64
C GLY A 228 19.66 -11.05 0.74
N PRO A 229 19.14 -12.27 0.60
CA PRO A 229 19.87 -13.30 -0.16
C PRO A 229 20.11 -12.95 -1.62
N TRP A 230 19.22 -12.15 -2.22
CA TRP A 230 19.39 -11.77 -3.62
C TRP A 230 20.72 -11.07 -3.85
N ALA A 231 21.30 -10.46 -2.81
CA ALA A 231 22.51 -9.67 -2.96
C ALA A 231 23.78 -10.51 -3.02
N TRP A 232 23.72 -11.79 -2.64
CA TRP A 232 24.94 -12.58 -2.51
C TRP A 232 25.65 -12.79 -3.86
N SER A 233 24.88 -12.89 -4.95
N SER A 233 24.88 -12.92 -4.96
CA SER A 233 25.47 -13.20 -6.26
CA SER A 233 25.47 -13.16 -6.28
C SER A 233 26.44 -12.11 -6.72
C SER A 233 26.48 -12.10 -6.65
N ASN A 234 26.06 -10.84 -6.55
CA ASN A 234 26.97 -9.76 -6.93
C ASN A 234 28.20 -9.74 -6.03
N ILE A 235 28.04 -10.07 -4.75
CA ILE A 235 29.20 -10.17 -3.86
C ILE A 235 30.11 -11.30 -4.34
N ASP A 236 29.53 -12.43 -4.77
CA ASP A 236 30.33 -13.51 -5.32
C ASP A 236 31.20 -13.01 -6.47
N THR A 237 30.61 -12.20 -7.36
CA THR A 237 31.34 -11.67 -8.50
C THR A 237 32.47 -10.75 -8.10
N SER A 238 32.41 -10.15 -6.91
CA SER A 238 33.42 -9.21 -6.46
C SER A 238 34.60 -9.95 -5.86
N ALA A 239 35.61 -9.19 -5.44
CA ALA A 239 36.80 -9.74 -4.81
C ALA A 239 36.63 -9.93 -3.30
N VAL A 240 35.43 -9.67 -2.76
CA VAL A 240 35.26 -9.64 -1.31
C VAL A 240 35.02 -11.04 -0.79
N ASN A 241 35.79 -11.42 0.23
CA ASN A 241 35.54 -12.63 1.00
C ASN A 241 34.55 -12.26 2.11
N TYR A 242 33.30 -12.72 1.98
CA TYR A 242 32.23 -12.24 2.84
C TYR A 242 31.60 -13.38 3.63
N GLY A 243 31.00 -13.01 4.76
CA GLY A 243 30.19 -13.91 5.56
C GLY A 243 28.80 -13.36 5.76
N VAL A 244 27.85 -14.24 6.06
CA VAL A 244 26.46 -13.87 6.33
C VAL A 244 26.12 -14.37 7.72
N THR A 245 25.64 -13.47 8.59
CA THR A 245 25.48 -13.82 9.99
C THR A 245 24.30 -13.06 10.59
N VAL A 246 24.04 -13.36 11.87
CA VAL A 246 22.93 -12.76 12.59
C VAL A 246 23.10 -11.25 12.69
N LEU A 247 21.99 -10.53 12.57
CA LEU A 247 22.02 -9.09 12.71
C LEU A 247 22.49 -8.70 14.11
N PRO A 248 23.02 -7.49 14.27
CA PRO A 248 23.47 -7.07 15.61
C PRO A 248 22.29 -6.87 16.55
N THR A 249 22.56 -7.07 17.84
CA THR A 249 21.54 -6.82 18.84
C THR A 249 21.47 -5.33 19.17
N PHE A 250 20.32 -4.92 19.70
CA PHE A 250 20.14 -3.56 20.20
C PHE A 250 19.58 -3.64 21.60
N LYS A 251 20.27 -3.01 22.55
CA LYS A 251 19.88 -3.06 23.95
C LYS A 251 19.67 -4.50 24.41
N GLY A 252 20.54 -5.39 23.94
CA GLY A 252 20.50 -6.79 24.30
C GLY A 252 19.45 -7.61 23.61
N GLN A 253 18.60 -6.99 22.77
CA GLN A 253 17.52 -7.68 22.07
C GLN A 253 17.91 -7.94 20.62
N PRO A 254 17.47 -9.06 20.04
CA PRO A 254 17.76 -9.29 18.62
C PRO A 254 17.14 -8.20 17.75
N SER A 255 17.83 -7.87 16.66
CA SER A 255 17.17 -7.14 15.58
C SER A 255 16.07 -8.02 15.00
N LYS A 256 14.94 -7.39 14.68
CA LYS A 256 13.72 -8.11 14.30
C LYS A 256 13.33 -7.74 12.87
N PRO A 257 13.92 -8.38 11.86
CA PRO A 257 13.53 -8.07 10.48
C PRO A 257 12.09 -8.47 10.22
N PHE A 258 11.42 -7.66 9.41
CA PHE A 258 10.12 -8.05 8.88
C PHE A 258 10.34 -9.04 7.73
N VAL A 259 9.83 -10.25 7.90
CA VAL A 259 10.15 -11.35 6.99
C VAL A 259 9.13 -11.36 5.84
N GLY A 260 9.64 -11.41 4.62
CA GLY A 260 8.81 -11.46 3.43
C GLY A 260 8.83 -12.85 2.83
N VAL A 261 7.71 -13.20 2.21
CA VAL A 261 7.61 -14.41 1.39
C VAL A 261 7.41 -13.92 -0.04
N LEU A 262 8.46 -14.04 -0.85
CA LEU A 262 8.32 -13.76 -2.27
C LEU A 262 7.19 -14.61 -2.83
N SER A 263 6.21 -13.96 -3.44
CA SER A 263 4.99 -14.63 -3.88
C SER A 263 4.66 -14.23 -5.30
N ALA A 264 3.92 -15.11 -5.99
CA ALA A 264 3.53 -14.91 -7.38
C ALA A 264 2.01 -14.92 -7.47
N GLY A 265 1.43 -13.77 -7.78
CA GLY A 265 0.00 -13.64 -7.97
C GLY A 265 -0.37 -13.65 -9.44
N ILE A 266 -1.63 -14.01 -9.70
CA ILE A 266 -2.17 -14.03 -11.06
C ILE A 266 -3.17 -12.90 -11.20
N ASN A 267 -2.94 -12.04 -12.19
CA ASN A 267 -3.81 -10.91 -12.47
C ASN A 267 -5.25 -11.37 -12.72
N ALA A 268 -6.19 -10.81 -11.95
CA ALA A 268 -7.59 -11.17 -12.13
C ALA A 268 -8.06 -10.91 -13.55
N ALA A 269 -7.46 -9.95 -14.24
CA ALA A 269 -7.83 -9.63 -15.61
C ALA A 269 -7.12 -10.48 -16.65
N SER A 270 -6.25 -11.39 -16.22
CA SER A 270 -5.50 -12.20 -17.19
C SER A 270 -6.44 -13.16 -17.91
N PRO A 271 -6.41 -13.23 -19.24
CA PRO A 271 -7.08 -14.33 -19.95
C PRO A 271 -6.24 -15.59 -20.04
N ASN A 272 -5.14 -15.65 -19.29
CA ASN A 272 -4.15 -16.71 -19.41
C ASN A 272 -3.97 -17.46 -18.10
N LYS A 273 -5.03 -17.50 -17.27
CA LYS A 273 -4.89 -18.01 -15.92
C LYS A 273 -4.46 -19.46 -15.90
N GLU A 274 -5.00 -20.28 -16.80
CA GLU A 274 -4.62 -21.69 -16.82
C GLU A 274 -3.15 -21.85 -17.18
N LEU A 275 -2.66 -21.10 -18.18
CA LEU A 275 -1.25 -21.16 -18.52
C LEU A 275 -0.39 -20.68 -17.37
N ALA A 276 -0.84 -19.66 -16.65
CA ALA A 276 -0.06 -19.15 -15.52
C ALA A 276 0.05 -20.18 -14.41
N LYS A 277 -1.03 -20.90 -14.14
CA LYS A 277 -1.01 -21.93 -13.11
C LYS A 277 -0.08 -23.08 -13.52
N GLU A 278 -0.12 -23.46 -14.79
CA GLU A 278 0.78 -24.50 -15.28
C GLU A 278 2.24 -24.07 -15.16
N PHE A 279 2.55 -22.83 -15.54
CA PHE A 279 3.92 -22.34 -15.44
C PHE A 279 4.39 -22.31 -14.00
N LEU A 280 3.55 -21.80 -13.09
CA LEU A 280 3.98 -21.63 -11.72
C LEU A 280 4.10 -22.96 -11.00
N GLU A 281 3.12 -23.85 -11.16
CA GLU A 281 3.14 -25.10 -10.41
C GLU A 281 4.11 -26.12 -11.02
N ASN A 282 4.11 -26.27 -12.34
CA ASN A 282 4.81 -27.38 -12.96
C ASN A 282 6.14 -26.98 -13.61
N TYR A 283 6.49 -25.70 -13.62
CA TYR A 283 7.78 -25.27 -14.14
C TYR A 283 8.60 -24.50 -13.11
N LEU A 284 8.02 -23.47 -12.48
CA LEU A 284 8.80 -22.69 -11.53
C LEU A 284 8.97 -23.44 -10.21
N LEU A 285 7.88 -23.90 -9.61
CA LEU A 285 7.93 -24.48 -8.27
C LEU A 285 8.29 -25.97 -8.37
N THR A 286 9.44 -26.20 -8.98
CA THR A 286 10.09 -27.49 -9.06
C THR A 286 11.54 -27.30 -8.66
N ASP A 287 12.23 -28.41 -8.37
CA ASP A 287 13.65 -28.32 -8.06
C ASP A 287 14.40 -27.62 -9.18
N GLU A 288 14.12 -28.01 -10.43
CA GLU A 288 14.85 -27.44 -11.56
C GLU A 288 14.51 -25.98 -11.79
N GLY A 289 13.24 -25.62 -11.61
CA GLY A 289 12.84 -24.23 -11.82
C GLY A 289 13.44 -23.30 -10.80
N LEU A 290 13.33 -23.64 -9.51
CA LEU A 290 13.88 -22.78 -8.48
C LEU A 290 15.39 -22.75 -8.52
N GLU A 291 16.03 -23.85 -8.93
CA GLU A 291 17.49 -23.83 -9.06
C GLU A 291 17.92 -22.83 -10.13
N ALA A 292 17.16 -22.74 -11.22
CA ALA A 292 17.49 -21.79 -12.28
C ALA A 292 17.43 -20.36 -11.76
N VAL A 293 16.37 -20.03 -11.02
CA VAL A 293 16.24 -18.69 -10.45
C VAL A 293 17.30 -18.47 -9.38
N ASN A 294 17.49 -19.46 -8.50
CA ASN A 294 18.40 -19.31 -7.38
C ASN A 294 19.86 -19.18 -7.81
N LYS A 295 20.25 -19.83 -8.90
CA LYS A 295 21.61 -19.70 -9.38
C LYS A 295 21.88 -18.33 -9.99
N ASP A 296 20.83 -17.64 -10.43
CA ASP A 296 20.95 -16.27 -10.90
C ASP A 296 21.09 -15.32 -9.71
N LYS A 297 20.07 -15.28 -8.86
CA LYS A 297 20.10 -14.52 -7.61
C LYS A 297 19.47 -15.38 -6.52
N PRO A 298 20.16 -15.62 -5.41
CA PRO A 298 19.60 -16.52 -4.39
C PRO A 298 18.23 -16.04 -3.91
N LEU A 299 17.33 -17.01 -3.74
CA LEU A 299 15.96 -16.74 -3.31
C LEU A 299 15.79 -16.68 -1.81
N GLY A 300 16.72 -17.26 -1.05
CA GLY A 300 16.53 -17.47 0.36
C GLY A 300 16.09 -18.89 0.65
N ALA A 301 15.31 -19.08 1.69
CA ALA A 301 14.77 -20.40 2.03
C ALA A 301 13.50 -20.62 1.23
N VAL A 302 13.58 -21.47 0.20
CA VAL A 302 12.47 -21.60 -0.74
C VAL A 302 11.30 -22.31 -0.08
N ALA A 303 10.10 -22.03 -0.59
CA ALA A 303 8.89 -22.65 -0.05
C ALA A 303 8.79 -24.12 -0.42
N LEU A 304 9.48 -24.56 -1.47
CA LEU A 304 9.41 -25.94 -1.95
C LEU A 304 10.24 -26.84 -1.06
N LYS A 305 9.59 -27.77 -0.37
CA LYS A 305 10.26 -28.58 0.64
C LYS A 305 11.46 -29.32 0.06
N SER A 306 11.27 -29.99 -1.08
CA SER A 306 12.31 -30.84 -1.61
C SER A 306 13.61 -30.08 -1.88
N TYR A 307 13.49 -28.86 -2.39
CA TYR A 307 14.68 -28.10 -2.73
C TYR A 307 15.24 -27.34 -1.51
N GLU A 308 14.37 -26.91 -0.59
CA GLU A 308 14.88 -26.25 0.61
C GLU A 308 15.74 -27.20 1.43
N GLU A 309 15.48 -28.50 1.33
CA GLU A 309 16.29 -29.44 2.10
C GLU A 309 17.74 -29.47 1.60
N GLU A 310 17.98 -29.16 0.33
CA GLU A 310 19.34 -28.94 -0.16
C GLU A 310 19.88 -27.59 0.28
N LEU A 311 19.13 -26.51 0.01
CA LEU A 311 19.61 -25.16 0.33
C LEU A 311 19.84 -24.97 1.81
N ALA A 312 19.12 -25.71 2.67
CA ALA A 312 19.24 -25.51 4.11
C ALA A 312 20.64 -25.81 4.64
N LYS A 313 21.44 -26.58 3.89
CA LYS A 313 22.80 -26.89 4.32
C LYS A 313 23.75 -25.71 4.15
N ASP A 314 23.32 -24.65 3.48
CA ASP A 314 24.17 -23.50 3.23
C ASP A 314 24.20 -22.61 4.48
N PRO A 315 25.38 -22.30 5.03
CA PRO A 315 25.40 -21.45 6.23
C PRO A 315 24.76 -20.09 6.02
N ARG A 316 24.82 -19.55 4.81
CA ARG A 316 24.15 -18.28 4.54
C ARG A 316 22.65 -18.41 4.71
N ILE A 317 22.08 -19.54 4.31
CA ILE A 317 20.65 -19.78 4.50
C ILE A 317 20.36 -20.02 5.98
N ALA A 318 21.25 -20.71 6.68
CA ALA A 318 21.09 -20.87 8.12
C ALA A 318 20.97 -19.50 8.79
N ALA A 319 21.86 -18.57 8.44
CA ALA A 319 21.80 -17.24 9.04
C ALA A 319 20.54 -16.50 8.62
N THR A 320 20.12 -16.66 7.37
CA THR A 320 18.87 -16.05 6.93
C THR A 320 17.71 -16.53 7.79
N MET A 321 17.62 -17.85 8.03
CA MET A 321 16.53 -18.38 8.83
C MET A 321 16.66 -18.01 10.30
N GLU A 322 17.89 -17.90 10.81
CA GLU A 322 18.07 -17.42 12.17
C GLU A 322 17.53 -16.01 12.33
N ASN A 323 17.89 -15.11 11.41
CA ASN A 323 17.35 -13.76 11.45
C ASN A 323 15.85 -13.77 11.27
N ALA A 324 15.33 -14.62 10.39
CA ALA A 324 13.89 -14.70 10.19
C ALA A 324 13.19 -15.14 11.46
N GLN A 325 13.73 -16.15 12.15
CA GLN A 325 13.11 -16.64 13.39
C GLN A 325 13.08 -15.58 14.46
N LYS A 326 14.09 -14.70 14.49
CA LYS A 326 14.11 -13.62 15.47
C LYS A 326 13.26 -12.43 15.07
N GLY A 327 12.83 -12.36 13.82
CA GLY A 327 11.91 -11.33 13.35
C GLY A 327 10.47 -11.81 13.37
N GLU A 328 9.67 -11.24 12.46
CA GLU A 328 8.26 -11.61 12.37
C GLU A 328 7.81 -11.62 10.92
N ILE A 329 6.95 -12.58 10.59
CA ILE A 329 6.33 -12.60 9.27
C ILE A 329 5.49 -11.35 9.10
N MET A 330 5.63 -10.70 7.96
CA MET A 330 4.86 -9.49 7.71
C MET A 330 3.38 -9.84 7.64
N PRO A 331 2.51 -8.96 8.15
CA PRO A 331 1.09 -9.08 7.80
C PRO A 331 0.91 -8.89 6.30
N ASN A 332 -0.18 -9.43 5.77
CA ASN A 332 -0.57 -9.13 4.40
C ASN A 332 -1.78 -8.23 4.31
N ILE A 333 -2.25 -7.71 5.44
CA ILE A 333 -3.48 -6.92 5.47
C ILE A 333 -3.27 -5.64 4.66
N PRO A 334 -4.33 -5.09 4.05
CA PRO A 334 -4.16 -3.86 3.25
C PRO A 334 -3.50 -2.71 3.99
N GLN A 335 -3.64 -2.64 5.31
CA GLN A 335 -3.10 -1.51 6.05
C GLN A 335 -1.58 -1.45 6.03
N MET A 336 -0.91 -2.51 5.57
CA MET A 336 0.55 -2.48 5.53
C MET A 336 1.09 -1.36 4.64
N SER A 337 0.36 -1.04 3.57
CA SER A 337 0.78 0.07 2.72
C SER A 337 0.84 1.38 3.51
N ALA A 338 -0.12 1.60 4.40
CA ALA A 338 -0.08 2.78 5.26
C ALA A 338 1.12 2.73 6.18
N PHE A 339 1.37 1.57 6.79
CA PHE A 339 2.50 1.42 7.70
C PHE A 339 3.82 1.74 6.99
N TRP A 340 4.06 1.11 5.85
CA TRP A 340 5.34 1.31 5.18
C TRP A 340 5.51 2.76 4.72
N TYR A 341 4.43 3.37 4.22
CA TYR A 341 4.55 4.75 3.77
C TYR A 341 4.86 5.67 4.95
N ALA A 342 4.21 5.45 6.09
CA ALA A 342 4.42 6.31 7.25
C ALA A 342 5.85 6.19 7.78
N VAL A 343 6.34 4.96 7.92
CA VAL A 343 7.69 4.76 8.46
C VAL A 343 8.74 5.21 7.47
N ARG A 344 8.48 5.07 6.17
CA ARG A 344 9.38 5.61 5.15
C ARG A 344 9.61 7.10 5.39
N THR A 345 8.52 7.85 5.49
CA THR A 345 8.61 9.30 5.70
C THR A 345 9.34 9.61 7.00
N ALA A 346 8.99 8.90 8.07
CA ALA A 346 9.58 9.18 9.37
C ALA A 346 11.09 9.00 9.35
N VAL A 347 11.56 7.89 8.77
CA VAL A 347 12.99 7.60 8.76
C VAL A 347 13.74 8.64 7.94
N ILE A 348 13.21 8.99 6.77
CA ILE A 348 13.91 9.93 5.90
C ILE A 348 13.93 11.32 6.51
N ASN A 349 12.81 11.75 7.10
CA ASN A 349 12.77 13.07 7.73
C ASN A 349 13.65 13.12 8.97
N ALA A 350 13.66 12.05 9.76
CA ALA A 350 14.50 12.02 10.95
C ALA A 350 15.98 11.93 10.59
N ALA A 351 16.32 11.07 9.63
CA ALA A 351 17.72 10.93 9.23
C ALA A 351 18.25 12.19 8.56
N SER A 352 17.37 12.98 7.94
CA SER A 352 17.79 14.21 7.28
C SER A 352 17.91 15.38 8.23
N GLY A 353 17.40 15.25 9.46
CA GLY A 353 17.34 16.37 10.39
C GLY A 353 16.10 17.23 10.24
N ARG A 354 15.30 17.01 9.19
CA ARG A 354 14.10 17.80 8.97
C ARG A 354 13.14 17.72 10.14
N GLN A 355 13.15 16.61 10.88
CA GLN A 355 12.32 16.43 12.06
C GLN A 355 13.10 15.73 13.14
N THR A 356 12.67 15.93 14.39
CA THR A 356 13.16 15.12 15.49
C THR A 356 12.59 13.71 15.38
N VAL A 357 13.29 12.76 16.00
CA VAL A 357 12.79 11.38 16.04
C VAL A 357 11.41 11.33 16.66
N ASP A 358 11.21 12.09 17.75
CA ASP A 358 9.93 12.06 18.45
C ASP A 358 8.81 12.61 17.57
N ALA A 359 9.07 13.68 16.82
CA ALA A 359 8.03 14.26 15.97
C ALA A 359 7.77 13.40 14.75
N ALA A 360 8.83 12.87 14.14
CA ALA A 360 8.68 12.02 12.95
C ALA A 360 7.89 10.76 13.28
N LEU A 361 8.20 10.11 14.41
CA LEU A 361 7.48 8.89 14.76
C LEU A 361 6.07 9.20 15.25
N ALA A 362 5.87 10.35 15.90
CA ALA A 362 4.52 10.73 16.30
C ALA A 362 3.62 10.86 15.08
N ALA A 363 4.13 11.47 14.01
CA ALA A 363 3.34 11.58 12.78
C ALA A 363 3.14 10.23 12.11
N ALA A 364 4.17 9.38 12.12
CA ALA A 364 4.03 8.04 11.54
C ALA A 364 3.00 7.22 12.30
N GLN A 365 2.95 7.35 13.62
CA GLN A 365 2.00 6.61 14.42
C GLN A 365 0.56 6.91 14.00
N THR A 366 0.25 8.19 13.77
CA THR A 366 -1.12 8.55 13.38
C THR A 366 -1.39 8.15 11.93
N ASN A 367 -0.40 8.30 11.05
CA ASN A 367 -0.60 7.98 9.64
C ASN A 367 -0.80 6.48 9.43
N ALA A 368 -0.02 5.65 10.13
CA ALA A 368 -0.15 4.20 9.97
C ALA A 368 -1.51 3.71 10.42
N ALA A 369 -2.15 4.41 11.35
CA ALA A 369 -3.45 4.04 11.88
C ALA A 369 -4.60 4.73 11.17
N ALA A 370 -4.36 5.25 9.96
CA ALA A 370 -5.37 6.03 9.25
C ALA A 370 -6.62 5.19 8.98
N ALA A 371 -7.79 5.77 9.25
CA ALA A 371 -9.07 5.13 8.97
C ALA A 371 -9.95 6.11 8.21
N LEU A 372 -10.93 5.56 7.48
CA LEU A 372 -11.78 6.38 6.63
C LEU A 372 -12.44 7.51 7.42
N LYS A 373 -12.91 7.23 8.63
CA LYS A 373 -13.56 8.25 9.43
C LYS A 373 -12.61 9.41 9.72
N ASP A 374 -11.35 9.09 10.04
CA ASP A 374 -10.36 10.14 10.29
C ASP A 374 -10.09 10.95 9.03
N ASP A 375 -9.96 10.27 7.88
CA ASP A 375 -9.71 10.97 6.63
C ASP A 375 -10.84 11.95 6.33
N PHE A 376 -12.10 11.50 6.47
CA PHE A 376 -13.23 12.37 6.21
C PHE A 376 -13.20 13.61 7.09
N GLN A 377 -12.74 13.48 8.33
CA GLN A 377 -12.68 14.63 9.23
C GLN A 377 -11.70 15.68 8.70
N GLU A 378 -10.59 15.23 8.10
CA GLU A 378 -9.61 16.18 7.57
C GLU A 378 -10.21 17.03 6.46
N PHE A 379 -11.10 16.45 5.64
CA PHE A 379 -11.78 17.24 4.62
C PHE A 379 -12.74 18.24 5.25
N VAL A 380 -13.55 17.79 6.20
CA VAL A 380 -14.48 18.69 6.89
C VAL A 380 -13.72 19.83 7.55
N ASP A 381 -12.58 19.51 8.19
CA ASP A 381 -11.80 20.54 8.87
C ASP A 381 -11.45 21.71 7.96
N LEU A 382 -11.41 21.46 6.65
CA LEU A 382 -11.07 22.51 5.68
C LEU A 382 -12.26 23.39 5.31
N VAL A 383 -13.48 22.98 5.66
CA VAL A 383 -14.69 23.61 5.16
C VAL A 383 -15.20 24.59 6.22
N PRO A 384 -15.47 25.86 5.86
CA PRO A 384 -16.16 26.74 6.82
C PRO A 384 -17.65 26.41 6.90
N VAL A 385 -18.00 25.48 7.79
CA VAL A 385 -19.37 25.01 7.88
C VAL A 385 -20.27 26.08 8.48
N ASP A 386 -19.74 26.90 9.38
CA ASP A 386 -20.52 28.02 9.91
C ASP A 386 -20.99 28.94 8.78
N LYS A 387 -20.08 29.28 7.87
CA LYS A 387 -20.41 30.22 6.80
C LYS A 387 -21.36 29.59 5.79
N LEU A 388 -21.11 28.35 5.39
CA LEU A 388 -21.94 27.70 4.38
C LEU A 388 -23.39 27.66 4.81
N VAL A 389 -23.66 27.33 6.09
CA VAL A 389 -25.02 27.24 6.56
C VAL A 389 -25.69 28.61 6.57
N ASN A 390 -24.93 29.67 6.85
CA ASN A 390 -25.51 31.00 6.89
C ASN A 390 -25.92 31.47 5.49
N VAL A 391 -25.09 31.18 4.48
CA VAL A 391 -25.48 31.49 3.10
C VAL A 391 -26.79 30.78 2.76
N ALA A 392 -26.88 29.49 3.09
CA ALA A 392 -28.11 28.76 2.83
C ALA A 392 -29.29 29.37 3.58
N LEU A 393 -29.05 29.87 4.79
CA LEU A 393 -30.13 30.48 5.56
C LEU A 393 -30.53 31.82 4.96
N GLN A 394 -29.55 32.66 4.60
CA GLN A 394 -29.85 33.93 3.95
C GLN A 394 -30.65 33.71 2.67
N TYR A 395 -30.21 32.78 1.83
CA TYR A 395 -30.91 32.53 0.57
C TYR A 395 -32.31 31.98 0.81
N LEU A 396 -32.46 31.08 1.79
CA LEU A 396 -33.75 30.45 2.03
C LEU A 396 -34.84 31.47 2.36
N VAL A 397 -34.49 32.58 3.01
CA VAL A 397 -35.48 33.59 3.39
C VAL A 397 -35.40 34.85 2.55
N SER A 398 -34.36 35.01 1.73
CA SER A 398 -34.14 36.26 0.99
C SER A 398 -34.22 36.11 -0.52
N ASP A 399 -33.92 34.94 -1.08
CA ASP A 399 -33.74 34.80 -2.52
C ASP A 399 -34.98 34.15 -3.15
N LYS A 400 -35.45 34.75 -4.24
CA LYS A 400 -36.69 34.31 -4.87
C LYS A 400 -36.53 32.93 -5.51
N GLU A 401 -35.45 32.74 -6.27
CA GLU A 401 -35.25 31.44 -6.92
C GLU A 401 -35.04 30.34 -5.89
N PHE A 402 -34.25 30.61 -4.85
CA PHE A 402 -34.02 29.60 -3.82
C PHE A 402 -35.35 29.14 -3.22
N LYS A 403 -36.22 30.10 -2.89
CA LYS A 403 -37.54 29.76 -2.36
C LYS A 403 -38.33 28.93 -3.36
N GLU A 404 -38.39 29.39 -4.61
CA GLU A 404 -39.06 28.61 -5.66
C GLU A 404 -38.60 27.16 -5.63
N PHE A 405 -37.28 26.95 -5.69
CA PHE A 405 -36.79 25.58 -5.81
C PHE A 405 -36.94 24.82 -4.50
N PHE A 406 -36.65 25.46 -3.36
CA PHE A 406 -36.91 24.82 -2.09
C PHE A 406 -38.36 24.36 -2.00
N GLY A 407 -39.28 25.17 -2.53
CA GLY A 407 -40.68 24.76 -2.56
C GLY A 407 -40.91 23.54 -3.42
N TYR A 408 -40.22 23.48 -4.57
CA TYR A 408 -40.34 22.30 -5.43
C TYR A 408 -39.90 21.05 -4.69
N LEU A 409 -38.89 21.17 -3.83
CA LEU A 409 -38.36 20.01 -3.13
C LEU A 409 -39.34 19.40 -2.15
N GLN A 410 -40.44 20.10 -1.84
CA GLN A 410 -41.43 19.60 -0.90
C GLN A 410 -42.65 19.01 -1.61
N GLY A 411 -42.60 18.83 -2.92
CA GLY A 411 -43.67 18.18 -3.65
C GLY A 411 -43.46 16.68 -3.76
N GLU A 412 -44.43 16.00 -4.36
N GLU A 412 -44.47 16.01 -4.33
CA GLU A 412 -44.32 14.55 -4.51
CA GLU A 412 -44.38 14.58 -4.57
C GLU A 412 -43.38 14.13 -5.62
C GLU A 412 -43.22 14.24 -5.48
N GLU A 413 -43.00 15.05 -6.52
CA GLU A 413 -42.02 14.71 -7.54
C GLU A 413 -40.66 14.46 -6.93
N PHE A 414 -40.20 15.36 -6.07
CA PHE A 414 -38.90 15.17 -5.43
C PHE A 414 -38.97 14.12 -4.33
N SER A 415 -40.08 14.07 -3.58
CA SER A 415 -40.24 13.03 -2.57
C SER A 415 -40.07 11.65 -3.19
N ALA A 416 -40.49 11.47 -4.44
CA ALA A 416 -40.33 10.19 -5.12
C ALA A 416 -38.90 9.99 -5.61
N VAL A 417 -38.29 11.04 -6.16
CA VAL A 417 -36.86 10.99 -6.49
C VAL A 417 -36.06 10.59 -5.26
N TRP A 418 -36.39 11.18 -4.12
CA TRP A 418 -35.65 10.93 -2.88
C TRP A 418 -35.84 9.51 -2.40
N ASP A 419 -37.09 9.06 -2.27
CA ASP A 419 -37.35 7.71 -1.78
C ASP A 419 -36.81 6.65 -2.72
N GLN A 420 -36.93 6.87 -4.04
CA GLN A 420 -36.47 5.88 -5.00
C GLN A 420 -34.95 5.88 -5.13
N PHE A 421 -34.32 7.04 -5.03
CA PHE A 421 -32.86 7.09 -5.06
C PHE A 421 -32.27 6.28 -3.91
N PHE A 422 -32.78 6.48 -2.70
CA PHE A 422 -32.25 5.81 -1.52
C PHE A 422 -32.84 4.42 -1.31
N ALA A 423 -33.69 3.95 -2.22
CA ALA A 423 -34.10 2.55 -2.25
C ALA A 423 -33.26 1.71 -3.19
N LEU A 424 -32.50 2.34 -4.08
CA LEU A 424 -31.60 1.60 -4.96
C LEU A 424 -30.65 0.76 -4.13
N ASN A 425 -30.53 -0.52 -4.50
CA ASN A 425 -29.61 -1.41 -3.80
C ASN A 425 -28.18 -0.92 -3.92
N GLU A 426 -27.85 -0.20 -4.99
CA GLU A 426 -26.50 0.34 -5.14
C GLU A 426 -26.24 1.46 -4.15
N VAL A 427 -27.28 2.21 -3.77
CA VAL A 427 -27.11 3.31 -2.81
C VAL A 427 -27.10 2.76 -1.39
N LYS A 428 -28.03 1.87 -1.06
CA LYS A 428 -28.03 1.23 0.25
C LYS A 428 -26.69 0.56 0.52
N ASP A 429 -26.08 -0.02 -0.52
CA ASP A 429 -24.78 -0.66 -0.38
C ASP A 429 -23.73 0.33 0.12
N VAL A 430 -23.70 1.52 -0.48
CA VAL A 430 -22.71 2.53 -0.09
C VAL A 430 -23.00 3.04 1.32
N LEU A 431 -24.27 3.24 1.65
CA LEU A 431 -24.60 3.77 2.97
C LEU A 431 -24.19 2.80 4.06
N ASN A 432 -24.52 1.52 3.90
CA ASN A 432 -24.14 0.52 4.89
C ASN A 432 -22.62 0.42 5.00
N TYR A 433 -21.92 0.49 3.87
CA TYR A 433 -20.46 0.50 3.89
C TYR A 433 -19.94 1.64 4.75
N LEU A 434 -20.51 2.85 4.56
CA LEU A 434 -20.07 3.99 5.37
C LEU A 434 -20.41 3.78 6.83
N GLU A 435 -21.59 3.23 7.13
CA GLU A 435 -21.92 2.93 8.52
C GLU A 435 -20.94 1.92 9.11
N ALA A 436 -20.56 0.90 8.32
CA ALA A 436 -19.55 -0.04 8.77
C ALA A 436 -18.24 0.65 9.10
N ALA A 437 -17.89 1.69 8.34
CA ALA A 437 -16.70 2.48 8.60
C ALA A 437 -16.92 3.54 9.68
N ASP A 438 -18.03 3.45 10.41
CA ASP A 438 -18.30 4.31 11.57
C ASP A 438 -18.61 5.76 11.17
N LEU A 439 -19.16 5.97 9.98
CA LEU A 439 -19.66 7.27 9.56
C LEU A 439 -21.18 7.24 9.62
N ALA A 440 -21.75 8.14 10.43
CA ALA A 440 -23.19 8.15 10.69
C ALA A 440 -23.91 8.82 9.52
N VAL A 441 -23.93 8.11 8.39
CA VAL A 441 -24.44 8.70 7.15
C VAL A 441 -25.97 8.73 7.15
N TYR A 442 -26.61 7.69 7.71
CA TYR A 442 -28.07 7.73 7.82
C TYR A 442 -28.52 8.91 8.68
N ASP A 443 -27.92 9.08 9.86
CA ASP A 443 -28.22 10.25 10.69
C ASP A 443 -28.04 11.53 9.91
N ALA A 444 -26.95 11.63 9.13
CA ALA A 444 -26.68 12.86 8.40
C ALA A 444 -27.74 13.13 7.34
N LEU A 445 -28.14 12.09 6.60
CA LEU A 445 -29.16 12.28 5.57
C LEU A 445 -30.52 12.61 6.17
N ASN A 446 -30.81 12.10 7.36
CA ASN A 446 -32.06 12.43 8.02
C ASN A 446 -32.03 13.82 8.63
N THR A 447 -30.84 14.34 8.94
CA THR A 447 -30.71 15.75 9.27
C THR A 447 -31.09 16.61 8.06
N VAL A 448 -30.63 16.22 6.87
CA VAL A 448 -31.01 16.93 5.65
C VAL A 448 -32.51 16.83 5.42
N ALA A 449 -33.09 15.66 5.68
CA ALA A 449 -34.53 15.48 5.51
C ALA A 449 -35.32 16.35 6.48
N ASP A 450 -34.85 16.44 7.74
CA ASP A 450 -35.51 17.31 8.69
C ASP A 450 -35.45 18.76 8.24
N PHE A 451 -34.33 19.16 7.61
CA PHE A 451 -34.20 20.53 7.13
C PHE A 451 -35.09 20.78 5.91
N LEU A 452 -35.13 19.83 4.97
CA LEU A 452 -36.03 19.96 3.83
C LEU A 452 -37.49 19.97 4.26
N GLY A 453 -37.79 19.46 5.45
CA GLY A 453 -39.13 19.48 6.00
C GLY A 453 -39.45 20.74 6.79
N LEU A 454 -38.56 21.72 6.79
CA LEU A 454 -38.81 22.94 7.56
C LEU A 454 -40.01 23.69 7.03
N HIS A 455 -40.83 24.19 7.94
CA HIS A 455 -41.98 25.02 7.60
C HIS A 455 -41.94 26.39 8.25
N HIS A 456 -41.06 26.60 9.23
CA HIS A 456 -40.90 27.90 9.87
C HIS A 456 -39.43 28.10 10.18
N VAL A 457 -39.00 29.36 10.14
CA VAL A 457 -37.64 29.75 10.48
C VAL A 457 -37.72 30.83 11.55
N LYS A 458 -36.72 30.87 12.42
CA LYS A 458 -36.63 31.95 13.39
C LYS A 458 -36.58 33.28 12.63
N PRO A 459 -37.10 34.35 13.21
CA PRO A 459 -37.05 35.64 12.51
C PRO A 459 -35.62 36.11 12.32
N THR A 460 -35.34 36.66 11.13
CA THR A 460 -34.04 37.31 10.87
C THR A 460 -34.26 38.48 9.93
N VAL A 461 -33.32 39.40 9.95
CA VAL A 461 -33.29 40.47 8.96
C VAL A 461 -32.68 39.90 7.67
N HIS A 462 -33.39 40.09 6.56
CA HIS A 462 -32.94 39.53 5.30
C HIS A 462 -31.73 40.30 4.76
N THR A 463 -30.97 39.64 3.91
N THR A 463 -30.95 39.63 3.92
CA THR A 463 -29.87 40.28 3.20
CA THR A 463 -29.86 40.29 3.22
C THR A 463 -30.40 40.94 1.93
C THR A 463 -30.39 40.93 1.94
N LEU A 464 -29.74 42.02 1.52
CA LEU A 464 -30.24 42.82 0.42
C LEU A 464 -29.89 42.24 -0.95
N ARG A 465 -28.77 41.53 -1.06
CA ARG A 465 -28.26 41.06 -2.34
C ARG A 465 -28.18 39.54 -2.35
N THR A 466 -28.93 38.92 -3.26
CA THR A 466 -28.77 37.51 -3.58
C THR A 466 -28.87 37.33 -5.09
N GLY A 467 -28.25 36.27 -5.59
CA GLY A 467 -28.14 36.07 -7.02
C GLY A 467 -28.78 34.80 -7.54
N GLY A 468 -29.94 34.43 -6.99
CA GLY A 468 -30.65 33.26 -7.46
C GLY A 468 -29.88 31.97 -7.21
N LEU A 469 -30.34 30.92 -7.89
CA LEU A 469 -29.79 29.59 -7.67
C LEU A 469 -28.33 29.52 -8.11
N THR A 470 -28.01 30.09 -9.27
CA THR A 470 -26.61 30.14 -9.70
C THR A 470 -25.78 30.96 -8.72
N GLY A 471 -26.35 32.06 -8.22
CA GLY A 471 -25.64 32.86 -7.24
C GLY A 471 -25.40 32.14 -5.93
N PHE A 472 -26.34 31.27 -5.54
CA PHE A 472 -26.15 30.47 -4.33
C PHE A 472 -24.98 29.50 -4.51
N PHE A 473 -24.93 28.80 -5.64
CA PHE A 473 -23.88 27.81 -5.85
C PHE A 473 -22.52 28.48 -6.03
N ASP A 474 -22.49 29.62 -6.73
CA ASP A 474 -21.24 30.37 -6.83
C ASP A 474 -20.77 30.81 -5.45
N GLU A 475 -21.68 31.32 -4.62
CA GLU A 475 -21.31 31.83 -3.31
C GLU A 475 -20.88 30.72 -2.36
N THR A 476 -21.46 29.53 -2.48
CA THR A 476 -21.08 28.44 -1.59
C THR A 476 -19.82 27.74 -2.07
N VAL A 477 -19.68 27.52 -3.38
CA VAL A 477 -18.44 26.94 -3.90
C VAL A 477 -17.26 27.83 -3.56
N ALA A 478 -17.47 29.15 -3.57
CA ALA A 478 -16.38 30.08 -3.26
C ALA A 478 -15.81 29.85 -1.87
N LEU A 479 -16.58 29.25 -0.97
CA LEU A 479 -16.11 28.92 0.37
C LEU A 479 -15.41 27.57 0.44
N LEU A 480 -15.39 26.81 -0.65
CA LEU A 480 -14.76 25.49 -0.64
C LEU A 480 -13.32 25.60 -1.10
N PRO A 481 -12.34 25.19 -0.28
CA PRO A 481 -10.94 25.23 -0.72
C PRO A 481 -10.64 24.12 -1.69
N LEU A 482 -11.00 24.32 -2.96
CA LEU A 482 -11.05 23.21 -3.91
C LEU A 482 -9.67 22.65 -4.22
N ASP A 483 -8.63 23.49 -4.24
CA ASP A 483 -7.29 22.97 -4.49
C ASP A 483 -6.86 22.04 -3.38
N LYS A 484 -7.02 22.49 -2.13
CA LYS A 484 -6.70 21.65 -0.99
C LYS A 484 -7.44 20.31 -1.02
N PHE A 485 -8.70 20.30 -1.44
CA PHE A 485 -9.43 19.05 -1.55
C PHE A 485 -8.73 18.09 -2.49
N GLU A 486 -8.42 18.55 -3.71
CA GLU A 486 -7.80 17.68 -4.69
C GLU A 486 -6.40 17.24 -4.23
N ALA A 487 -5.68 18.13 -3.54
CA ALA A 487 -4.40 17.76 -2.97
C ALA A 487 -4.57 16.71 -1.88
N LEU A 488 -5.37 17.03 -0.86
CA LEU A 488 -5.64 16.08 0.21
C LEU A 488 -6.15 14.76 -0.34
N PHE A 489 -6.98 14.82 -1.39
CA PHE A 489 -7.47 13.60 -2.03
C PHE A 489 -6.33 12.77 -2.59
N GLU A 490 -5.34 13.42 -3.22
CA GLU A 490 -4.22 12.70 -3.82
C GLU A 490 -3.35 12.05 -2.74
N GLU A 491 -3.05 12.79 -1.67
CA GLU A 491 -2.24 12.23 -0.59
C GLU A 491 -2.89 11.03 0.05
N LYS A 492 -4.21 11.08 0.26
CA LYS A 492 -4.89 10.00 0.99
C LYS A 492 -4.89 8.71 0.20
N LEU A 493 -5.01 8.80 -1.13
CA LEU A 493 -4.91 7.59 -1.94
C LEU A 493 -3.55 6.91 -1.74
N LYS A 494 -2.53 7.69 -1.40
CA LYS A 494 -1.20 7.14 -1.15
C LYS A 494 -0.97 6.76 0.31
N THR A 495 -1.60 7.47 1.25
CA THR A 495 -1.34 7.25 2.67
C THR A 495 -2.40 6.41 3.37
N SER A 496 -3.55 6.14 2.74
CA SER A 496 -4.70 5.56 3.43
C SER A 496 -5.37 4.49 2.57
N PRO A 497 -5.11 3.21 2.85
CA PRO A 497 -5.80 2.16 2.08
C PRO A 497 -7.31 2.21 2.19
N GLU A 498 -7.86 2.54 3.36
CA GLU A 498 -9.32 2.59 3.48
C GLU A 498 -9.92 3.68 2.59
N PHE A 499 -9.25 4.82 2.50
CA PHE A 499 -9.71 5.88 1.60
C PHE A 499 -9.68 5.40 0.15
N LYS A 500 -8.56 4.79 -0.26
CA LYS A 500 -8.49 4.21 -1.59
C LYS A 500 -9.57 3.16 -1.80
N ALA A 501 -9.79 2.30 -0.81
CA ALA A 501 -10.78 1.24 -0.96
C ALA A 501 -12.18 1.81 -1.14
N PHE A 502 -12.50 2.90 -0.43
CA PHE A 502 -13.81 3.53 -0.61
C PHE A 502 -13.93 4.14 -2.00
N PHE A 503 -12.90 4.87 -2.44
CA PHE A 503 -12.91 5.40 -3.80
C PHE A 503 -13.09 4.27 -4.81
N GLU A 504 -12.38 3.15 -4.60
CA GLU A 504 -12.50 2.02 -5.51
C GLU A 504 -13.92 1.46 -5.51
N LYS A 505 -14.56 1.42 -4.34
CA LYS A 505 -15.94 0.94 -4.28
C LYS A 505 -16.85 1.80 -5.14
N LEU A 506 -16.63 3.12 -5.14
CA LEU A 506 -17.42 3.99 -5.99
C LEU A 506 -17.02 3.85 -7.46
N ARG A 507 -15.71 3.82 -7.72
CA ARG A 507 -15.24 3.63 -9.09
C ARG A 507 -15.82 2.37 -9.71
N ASN A 508 -15.73 1.25 -9.00
CA ASN A 508 -16.23 -0.04 -9.48
C ASN A 508 -17.74 -0.19 -9.32
N LEU A 509 -18.46 0.91 -9.11
CA LEU A 509 -19.91 0.84 -8.93
C LEU A 509 -20.60 0.67 -10.27
N ASP A 510 -21.71 -0.07 -10.25
CA ASP A 510 -22.49 -0.33 -11.46
C ASP A 510 -23.21 0.96 -11.86
N TYR A 511 -22.46 1.83 -12.54
CA TYR A 511 -22.98 3.15 -12.89
C TYR A 511 -24.20 3.06 -13.80
N GLN A 512 -24.32 1.98 -14.57
CA GLN A 512 -25.47 1.84 -15.45
C GLN A 512 -26.77 1.90 -14.67
N LYS A 513 -26.83 1.22 -13.51
CA LYS A 513 -28.07 1.18 -12.74
C LYS A 513 -28.58 2.57 -12.42
N PHE A 514 -27.70 3.57 -12.34
CA PHE A 514 -28.13 4.95 -12.14
C PHE A 514 -28.73 5.54 -13.41
N VAL A 515 -28.13 5.24 -14.56
CA VAL A 515 -28.70 5.71 -15.83
C VAL A 515 -30.05 5.06 -16.05
N ASP A 516 -30.17 3.76 -15.73
CA ASP A 516 -31.49 3.12 -15.74
C ASP A 516 -32.48 3.88 -14.87
N PHE A 517 -32.06 4.18 -13.64
CA PHE A 517 -32.89 4.97 -12.73
C PHE A 517 -33.35 6.27 -13.38
N HIS A 518 -32.43 6.97 -14.05
CA HIS A 518 -32.78 8.23 -14.71
C HIS A 518 -33.66 7.99 -15.92
N ASN A 519 -33.17 7.20 -16.88
CA ASN A 519 -33.85 7.05 -18.17
C ASN A 519 -35.23 6.40 -18.05
N ASN A 520 -35.54 5.78 -16.92
CA ASN A 520 -36.82 5.10 -16.74
C ASN A 520 -37.75 5.82 -15.77
N SER A 521 -37.31 6.90 -15.14
CA SER A 521 -38.10 7.63 -14.17
C SER A 521 -38.39 9.03 -14.71
N LYS A 522 -39.67 9.36 -14.85
CA LYS A 522 -40.06 10.69 -15.29
C LYS A 522 -39.82 11.72 -14.19
N GLU A 523 -39.92 11.32 -12.93
CA GLU A 523 -39.71 12.25 -11.82
C GLU A 523 -38.25 12.67 -11.73
N VAL A 524 -37.33 11.73 -11.95
CA VAL A 524 -35.91 12.07 -11.97
C VAL A 524 -35.62 13.01 -13.13
N GLN A 525 -36.14 12.69 -14.31
CA GLN A 525 -35.93 13.55 -15.47
C GLN A 525 -36.41 14.97 -15.21
N GLY A 526 -37.60 15.11 -14.64
CA GLY A 526 -38.11 16.43 -14.33
C GLY A 526 -37.23 17.18 -13.37
N PHE A 527 -36.82 16.53 -12.28
CA PHE A 527 -35.88 17.13 -11.34
C PHE A 527 -34.67 17.70 -12.07
N LEU A 528 -34.08 16.92 -12.96
CA LEU A 528 -32.91 17.38 -13.70
C LEU A 528 -33.28 18.54 -14.63
N GLN A 529 -34.43 18.47 -15.30
CA GLN A 529 -34.86 19.56 -16.17
C GLN A 529 -34.98 20.88 -15.39
N LYS A 530 -35.61 20.84 -14.21
CA LYS A 530 -35.77 22.03 -13.39
C LYS A 530 -34.43 22.66 -13.05
N LEU A 531 -33.48 21.83 -12.61
CA LEU A 531 -32.15 22.33 -12.35
C LEU A 531 -31.59 23.04 -13.58
N ARG A 532 -31.69 22.39 -14.76
CA ARG A 532 -31.18 23.07 -15.96
C ARG A 532 -31.94 24.37 -16.21
N SER A 533 -33.25 24.39 -15.94
CA SER A 533 -34.05 25.57 -16.23
C SER A 533 -33.68 26.75 -15.35
N TYR A 534 -32.98 26.53 -14.23
CA TYR A 534 -32.50 27.61 -13.39
C TYR A 534 -31.09 28.05 -13.75
N GLY A 535 -30.55 27.58 -14.88
CA GLY A 535 -29.22 27.94 -15.31
C GLY A 535 -28.10 27.08 -14.75
N LEU A 536 -28.43 25.91 -14.22
CA LEU A 536 -27.43 25.02 -13.62
C LEU A 536 -27.06 23.92 -14.60
N ASP A 537 -25.79 23.87 -14.98
CA ASP A 537 -25.30 22.90 -15.96
C ASP A 537 -25.20 21.54 -15.28
N VAL A 538 -26.31 20.81 -15.28
CA VAL A 538 -26.33 19.48 -14.65
C VAL A 538 -25.54 18.49 -15.50
N ASP A 539 -25.61 18.63 -16.82
CA ASP A 539 -24.89 17.72 -17.70
C ASP A 539 -23.39 17.86 -17.54
N GLY A 540 -22.90 19.10 -17.48
CA GLY A 540 -21.49 19.32 -17.20
C GLY A 540 -21.08 18.84 -15.81
N PHE A 541 -22.05 18.63 -14.92
CA PHE A 541 -21.75 18.10 -13.59
C PHE A 541 -21.65 16.58 -13.62
N PHE A 542 -22.67 15.90 -14.13
CA PHE A 542 -22.62 14.45 -14.21
C PHE A 542 -21.42 13.97 -15.03
N ASN A 543 -21.26 14.53 -16.23
CA ASN A 543 -20.12 14.14 -17.06
C ASN A 543 -18.80 14.32 -16.30
N LEU A 544 -18.66 15.45 -15.61
CA LEU A 544 -17.46 15.69 -14.81
C LEU A 544 -17.35 14.66 -13.69
N VAL A 545 -18.48 14.29 -13.08
CA VAL A 545 -18.47 13.27 -12.04
C VAL A 545 -18.11 11.92 -12.62
N ALA A 546 -18.69 11.56 -13.77
CA ALA A 546 -18.36 10.30 -14.42
C ALA A 546 -16.87 10.22 -14.71
N GLY A 547 -16.25 11.35 -15.09
CA GLY A 547 -14.82 11.35 -15.31
C GLY A 547 -14.04 11.07 -14.03
N PHE A 548 -14.50 11.64 -12.91
CA PHE A 548 -13.81 11.44 -11.64
C PHE A 548 -13.67 9.95 -11.31
N PHE A 549 -14.73 9.18 -11.55
CA PHE A 549 -14.75 7.77 -11.19
C PHE A 549 -14.45 6.84 -12.35
N GLY A 550 -14.28 7.38 -13.57
CA GLY A 550 -13.96 6.55 -14.71
C GLY A 550 -15.13 5.74 -15.25
N TRP A 551 -16.35 6.28 -15.16
CA TRP A 551 -17.53 5.58 -15.65
C TRP A 551 -17.75 5.87 -17.14
#